data_6XKO
#
_entry.id   6XKO
#
_cell.length_a   83.798
_cell.length_b   83.798
_cell.length_c   277.104
_cell.angle_alpha   90.000
_cell.angle_beta   90.000
_cell.angle_gamma   120.000
#
_symmetry.space_group_name_H-M   'P 65 2 2'
#
loop_
_entity.id
_entity.type
_entity.pdbx_description
1 polymer 'Class III PreQ1 riboswitch'
2 non-polymer 7-DEAZA-7-AMINOMETHYL-GUANINE
3 water water
#
_entity_poly.entity_id   1
_entity_poly.type   'polyribonucleotide'
_entity_poly.pdbx_seq_one_letter_code
;(GTP)AGCAACUUAGGAUUUUAGGCUCCCCGGCGUGUCUCGAACCAUGCCGGGCCAAACCCAUAGGGCUGGCGGUCCCUG
UGCGGUCGAAAUUCAUCCGCCGGAG
;
_entity_poly.pdbx_strand_id   A
#